data_2M44
#
_entry.id   2M44
#
_cell.length_a   44.958
_cell.length_b   44.958
_cell.length_c   44.958
_cell.angle_alpha   90.00
_cell.angle_beta   90.00
_cell.angle_gamma   90.00
#
_symmetry.space_group_name_H-M   'P 1'
#
loop_
_entity.id
_entity.type
_entity.pdbx_description
1 polymer "DNA (5'-D(*CP*GP*CP*TP*CP*(AAB)P*CP*AP*CP*GP*C)-3')"
2 polymer "DNA (5'-D(*GP*CP*(8OG)P*TP*GP*GP*GP*AP*GP*CP*G)-3')"
#
loop_
_entity_poly.entity_id
_entity_poly.type
_entity_poly.pdbx_seq_one_letter_code
_entity_poly.pdbx_strand_id
1 'polydeoxyribonucleotide' (DC)(DG)(DC)(DT)(DC)(AAB)(DC)(DA)(DC)(DG)(DC) A
2 'polydeoxyribonucleotide' (DG)(DC)(8OG)(DT)(DG)(DG)(DG)(DA)(DG)(DC)(DG) B
#
loop_
_chem_comp.id
_chem_comp.type
_chem_comp.name
_chem_comp.formula
8OG DNA linking 8-OXO-2'-DEOXY-GUANOSINE-5'-MONOPHOSPHATE 'C10 H14 N5 O8 P'
AAB DNA linking 2'-DEOXY-RIBOFURANOSE-5'-MONOPHOSPHATE 'C5 H11 O7 P'
DA DNA linking 2'-DEOXYADENOSINE-5'-MONOPHOSPHATE 'C10 H14 N5 O6 P'
DC DNA linking 2'-DEOXYCYTIDINE-5'-MONOPHOSPHATE 'C9 H14 N3 O7 P'
DG DNA linking 2'-DEOXYGUANOSINE-5'-MONOPHOSPHATE 'C10 H14 N5 O7 P'
DT DNA linking THYMIDINE-5'-MONOPHOSPHATE 'C10 H15 N2 O8 P'
#
# COMPACT_ATOMS: atom_id res chain seq x y z
P AAB A 6 -9.38 -8.49 -1.79
O1P AAB A 6 -9.39 -8.44 -0.31
O2P AAB A 6 -9.79 -9.74 -2.44
O5' AAB A 6 -7.87 -8.20 -2.22
C5' AAB A 6 -7.47 -8.44 -3.57
C4' AAB A 6 -6.94 -7.07 -4.10
O4' AAB A 6 -7.66 -6.00 -3.62
C1' AAB A 6 -6.97 -4.82 -3.84
O1' AAB A 6 -7.24 -3.73 -3.01
C2' AAB A 6 -5.52 -5.17 -3.60
C3' AAB A 6 -5.49 -6.71 -3.85
O3' AAB A 6 -4.68 -6.96 -5.01
H5'1 AAB A 6 -8.28 -8.70 -4.24
H5'2 AAB A 6 -6.59 -9.08 -3.64
H4' AAB A 6 -6.98 -7.05 -5.19
H1' AAB A 6 -6.91 -4.53 -4.88
HO1' AAB A 6 -6.78 -2.96 -3.38
H2'1 AAB A 6 -5.02 -4.72 -4.45
H2'2 AAB A 6 -5.19 -4.93 -2.59
H3' AAB A 6 -5.03 -7.31 -3.06
P 8OG B 3 3.22 4.67 6.96
OP1 8OG B 3 3.70 5.87 7.70
OP2 8OG B 3 1.83 4.20 7.15
O5' 8OG B 3 3.41 4.99 5.38
C5' 8OG B 3 4.70 5.30 4.93
C4' 8OG B 3 4.68 5.53 3.46
O4' 8OG B 3 4.59 4.25 2.86
C3' 8OG B 3 3.48 6.42 3.03
O3' 8OG B 3 3.92 7.54 2.23
C2' 8OG B 3 2.63 5.41 2.26
C1' 8OG B 3 3.66 4.38 1.78
N9 8OG B 3 3.13 3.04 1.39
C8 8OG B 3 2.29 2.18 2.06
N7 8OG B 3 2.10 1.00 1.54
C5 8OG B 3 2.88 1.10 0.35
C6 8OG B 3 3.13 0.20 -0.73
O6 8OG B 3 2.62 -0.88 -0.94
N1 8OG B 3 4.00 0.54 -1.63
C2 8OG B 3 4.63 1.74 -1.64
N2 8OG B 3 5.33 2.08 -2.71
N3 8OG B 3 4.37 2.70 -0.77
C4 8OG B 3 3.53 2.34 0.28
O8 8OG B 3 1.71 2.42 3.11
H5' 8OG B 3 5.35 4.46 5.20
H5'' 8OG B 3 5.02 6.21 5.43
H4' 8OG B 3 5.62 5.98 3.12
H3' 8OG B 3 2.92 6.83 3.87
H2' 8OG B 3 2.17 5.90 1.41
H2'' 8OG B 3 1.87 4.93 2.87
H1' 8OG B 3 4.14 4.85 0.93
H7 8OG B 3 1.65 0.31 2.11
H1 8OG B 3 4.24 -0.21 -2.27
H21 8OG B 3 5.60 3.03 -2.90
H22 8OG B 3 5.64 1.37 -3.36
P AAB A 6 -8.98 -8.19 -1.24
O1P AAB A 6 -8.45 -7.79 0.06
O2P AAB A 6 -9.59 -9.49 -1.38
O5' AAB A 6 -7.66 -8.07 -2.23
C5' AAB A 6 -7.65 -8.21 -3.69
C4' AAB A 6 -7.07 -7.02 -4.34
O4' AAB A 6 -7.77 -5.89 -3.96
C1' AAB A 6 -6.93 -4.80 -3.88
O1' AAB A 6 -7.05 -3.76 -2.88
C2' AAB A 6 -5.60 -5.31 -3.76
C3' AAB A 6 -5.67 -6.81 -4.02
O3' AAB A 6 -4.77 -7.21 -5.04
H5'1 AAB A 6 -8.63 -8.49 -4.06
H5'2 AAB A 6 -6.99 -9.05 -3.91
H4' AAB A 6 -6.92 -7.08 -5.42
H1' AAB A 6 -6.95 -4.23 -4.81
HO1' AAB A 6 -6.62 -3.00 -3.28
H2'1 AAB A 6 -5.11 -4.97 -4.67
H2'2 AAB A 6 -5.11 -5.15 -2.79
H3' AAB A 6 -5.34 -7.31 -3.11
P 8OG B 3 4.76 4.41 7.25
OP1 8OG B 3 5.73 5.29 7.87
OP2 8OG B 3 3.37 4.32 7.75
O5' 8OG B 3 4.59 4.92 5.75
C5' 8OG B 3 5.62 5.30 4.85
C4' 8OG B 3 5.03 5.25 3.38
O4' 8OG B 3 4.71 3.93 2.92
C3' 8OG B 3 3.71 6.01 3.24
O3' 8OG B 3 4.16 7.17 2.54
C2' 8OG B 3 2.80 5.07 2.49
C1' 8OG B 3 3.75 4.02 1.90
N9 8OG B 3 3.24 2.68 1.60
C8 8OG B 3 2.37 1.79 2.20
N7 8OG B 3 2.32 0.65 1.60
C5 8OG B 3 3.00 0.81 0.39
C6 8OG B 3 3.29 -0.08 -0.74
O6 8OG B 3 2.94 -1.19 -0.81
N1 8OG B 3 4.15 0.49 -1.65
C2 8OG B 3 4.54 1.76 -1.54
N2 8OG B 3 5.25 2.17 -2.49
N3 8OG B 3 4.25 2.56 -0.58
C4 8OG B 3 3.47 2.08 0.35
O8 8OG B 3 1.80 2.14 3.18
H5' 8OG B 3 6.45 4.60 4.90
H5'' 8OG B 3 5.78 6.35 5.08
H4' 8OG B 3 5.73 5.83 2.78
H3' 8OG B 3 3.32 6.39 4.18
H2' 8OG B 3 2.36 5.64 1.67
H2'' 8OG B 3 2.03 4.57 3.07
H1' 8OG B 3 4.12 4.48 0.98
H7 8OG B 3 1.74 -0.12 1.92
H1 8OG B 3 4.28 -0.07 -2.48
H21 8OG B 3 5.42 3.16 -2.37
H22 8OG B 3 5.36 1.62 -3.32
P AAB A 6 -8.79 -8.17 -0.79
O1P AAB A 6 -8.46 -7.79 0.60
O2P AAB A 6 -8.89 -9.60 -1.15
O5' AAB A 6 -7.62 -7.61 -1.64
C5' AAB A 6 -7.47 -7.84 -3.02
C4' AAB A 6 -6.84 -6.60 -3.72
O4' AAB A 6 -7.50 -5.56 -3.21
C1' AAB A 6 -6.71 -4.39 -3.25
O1' AAB A 6 -6.81 -3.19 -2.44
C2' AAB A 6 -5.31 -4.89 -3.18
C3' AAB A 6 -5.41 -6.39 -3.30
O3' AAB A 6 -4.57 -6.65 -4.40
H5'1 AAB A 6 -8.40 -8.04 -3.54
H5'2 AAB A 6 -6.77 -8.67 -3.17
H4' AAB A 6 -6.85 -6.62 -4.81
H1' AAB A 6 -6.78 -4.08 -4.29
HO1' AAB A 6 -6.43 -2.52 -3.03
H2'1 AAB A 6 -4.87 -4.49 -4.10
H2'2 AAB A 6 -4.73 -4.50 -2.35
H3' AAB A 6 -5.13 -6.94 -2.40
P 8OG B 3 5.34 4.29 6.77
OP1 8OG B 3 6.16 5.44 7.20
OP2 8OG B 3 4.09 4.04 7.54
O5' 8OG B 3 4.88 4.61 5.29
C5' 8OG B 3 5.76 5.17 4.33
C4' 8OG B 3 5.11 5.35 2.93
O4' 8OG B 3 5.01 4.14 2.33
C3' 8OG B 3 3.69 6.07 2.99
O3' 8OG B 3 3.80 7.33 2.38
C2' 8OG B 3 2.79 5.04 2.28
C1' 8OG B 3 3.81 4.09 1.65
N9 8OG B 3 3.53 2.65 1.20
C8 8OG B 3 2.84 1.67 1.82
N7 8OG B 3 2.77 0.53 1.22
C5 8OG B 3 3.23 0.84 -0.06
C6 8OG B 3 3.33 0.01 -1.26
O6 8OG B 3 2.94 -1.11 -1.44
N1 8OG B 3 3.99 0.63 -2.28
C2 8OG B 3 4.38 1.93 -2.25
N2 8OG B 3 4.75 2.50 -3.39
N3 8OG B 3 4.21 2.76 -1.15
C4 8OG B 3 3.69 2.12 -0.07
O8 8OG B 3 2.27 1.82 2.91
H5' 8OG B 3 6.61 4.51 4.20
H5'' 8OG B 3 6.19 6.10 4.71
H4' 8OG B 3 5.80 5.87 2.26
H3' 8OG B 3 3.40 6.22 4.03
H2' 8OG B 3 2.14 5.55 1.57
H2'' 8OG B 3 2.16 4.48 2.95
H1' 8OG B 3 3.96 4.63 0.72
H7 8OG B 3 2.19 -0.23 1.54
H1 8OG B 3 4.14 0.15 -3.15
H21 8OG B 3 4.85 3.50 -3.44
H22 8OG B 3 4.60 2.01 -4.26
P AAB A 6 -9.65 -8.19 -1.06
O1P AAB A 6 -9.35 -8.10 0.37
O2P AAB A 6 -10.05 -9.54 -1.53
O5' AAB A 6 -8.39 -7.67 -1.82
C5' AAB A 6 -8.17 -7.77 -3.22
C4' AAB A 6 -7.36 -6.62 -3.94
O4' AAB A 6 -8.13 -5.44 -3.68
C1' AAB A 6 -7.18 -4.30 -3.77
O1' AAB A 6 -7.44 -3.08 -3.12
C2' AAB A 6 -5.83 -4.84 -3.38
C3' AAB A 6 -5.94 -6.38 -3.47
O3' AAB A 6 -5.05 -6.75 -4.52
H5'1 AAB A 6 -9.07 -8.10 -3.72
H5'2 AAB A 6 -7.40 -8.55 -3.30
H4' AAB A 6 -7.17 -6.70 -5.01
H1' AAB A 6 -7.05 -4.12 -4.83
HO1' AAB A 6 -6.92 -2.44 -3.62
H2'1 AAB A 6 -5.12 -4.32 -4.03
H2'2 AAB A 6 -5.71 -4.64 -2.31
H3' AAB A 6 -5.60 -6.77 -2.52
P 8OG B 3 4.63 3.98 6.40
OP1 8OG B 3 5.34 4.91 7.33
OP2 8OG B 3 3.27 3.65 6.78
O5' 8OG B 3 4.39 4.68 5.00
C5' 8OG B 3 5.53 5.16 4.28
C4' 8OG B 3 5.19 5.51 2.84
O4' 8OG B 3 5.15 4.31 2.02
C3' 8OG B 3 3.84 6.25 2.71
O3' 8OG B 3 4.02 7.62 2.34
C2' 8OG B 3 3.16 5.41 1.59
C1' 8OG B 3 4.14 4.39 0.99
N9 8OG B 3 3.68 2.94 0.71
C8 8OG B 3 2.77 2.09 1.31
N7 8OG B 3 2.76 0.87 0.81
C5 8OG B 3 3.55 0.99 -0.35
C6 8OG B 3 3.76 0.07 -1.38
O6 8OG B 3 3.28 -0.99 -1.47
N1 8OG B 3 4.34 0.59 -2.53
C2 8OG B 3 4.95 1.80 -2.45
N2 8OG B 3 5.69 2.15 -3.45
N3 8OG B 3 4.94 2.66 -1.47
C4 8OG B 3 4.12 2.21 -0.42
O8 8OG B 3 2.08 2.39 2.29
H5' 8OG B 3 6.18 4.29 4.29
H5'' 8OG B 3 5.95 6.00 4.81
H4' 8OG B 3 5.91 6.25 2.47
H3' 8OG B 3 3.25 6.21 3.62
H2' 8OG B 3 2.75 6.00 0.77
H2'' 8OG B 3 2.37 4.78 1.98
H1' 8OG B 3 4.56 4.81 0.09
H7 8OG B 3 2.21 0.10 1.16
H1 8OG B 3 4.39 -0.01 -3.34
H21 8OG B 3 6.02 3.10 -3.39
H22 8OG B 3 6.04 1.42 -4.06
P AAB A 6 -9.77 -8.06 -1.37
O1P AAB A 6 -9.69 -8.25 0.09
O2P AAB A 6 -9.96 -9.27 -2.18
O5' AAB A 6 -8.42 -7.42 -1.87
C5' AAB A 6 -8.26 -7.36 -3.30
C4' AAB A 6 -7.24 -6.33 -3.92
O4' AAB A 6 -7.69 -5.11 -3.31
C1' AAB A 6 -6.63 -4.31 -2.87
O1' AAB A 6 -6.64 -3.71 -1.60
C2' AAB A 6 -5.41 -5.17 -3.01
C3' AAB A 6 -5.81 -6.53 -3.50
O3' AAB A 6 -5.01 -7.01 -4.59
H5'1 AAB A 6 -9.24 -7.10 -3.72
H5'2 AAB A 6 -8.09 -8.33 -3.78
H4' AAB A 6 -7.21 -6.23 -5.01
H1' AAB A 6 -6.37 -3.55 -3.60
HO1' AAB A 6 -6.07 -2.93 -1.59
H2'1 AAB A 6 -4.97 -4.73 -3.90
H2'2 AAB A 6 -4.76 -5.26 -2.14
H3' AAB A 6 -5.82 -7.24 -2.68
P 8OG B 3 4.83 4.18 6.98
OP1 8OG B 3 5.87 5.21 7.39
OP2 8OG B 3 3.70 3.86 7.86
O5' 8OG B 3 4.35 4.53 5.56
C5' 8OG B 3 5.26 5.02 4.55
C4' 8OG B 3 4.67 5.06 3.12
O4' 8OG B 3 4.49 3.86 2.41
C3' 8OG B 3 3.31 5.80 3.03
O3' 8OG B 3 3.54 7.06 2.45
C2' 8OG B 3 2.43 4.86 2.12
C1' 8OG B 3 3.47 3.98 1.47
N9 8OG B 3 3.15 2.58 1.22
C8 8OG B 3 2.50 1.67 1.93
N7 8OG B 3 2.20 0.58 1.30
C5 8OG B 3 2.98 0.77 0.07
C6 8OG B 3 3.14 -0.13 -1.01
O6 8OG B 3 2.64 -1.20 -1.13
N1 8OG B 3 3.81 0.34 -2.05
C2 8OG B 3 4.45 1.52 -2.02
N2 8OG B 3 4.94 1.85 -3.22
N3 8OG B 3 4.37 2.43 -1.00
C4 8OG B 3 3.64 1.94 0.07
O8 8OG B 3 1.91 1.85 2.98
H5' 8OG B 3 6.13 4.36 4.47
H5'' 8OG B 3 5.54 6.04 4.82
H4' 8OG B 3 5.52 5.53 2.61
H3' 8OG B 3 2.86 5.90 4.02
H2' 8OG B 3 1.90 5.42 1.34
H2'' 8OG B 3 1.70 4.30 2.70
H1' 8OG B 3 3.82 4.46 0.57
H7 8OG B 3 1.57 -0.15 1.62
H1 8OG B 3 3.79 -0.11 -2.95
H21 8OG B 3 5.30 2.78 -3.40
H22 8OG B 3 4.90 1.22 -4.01
P AAB A 6 -9.02 -7.93 0.01
O1P AAB A 6 -8.64 -7.77 1.43
O2P AAB A 6 -9.22 -9.31 -0.50
O5' AAB A 6 -7.90 -7.23 -0.90
C5' AAB A 6 -8.15 -6.94 -2.31
C4' AAB A 6 -7.22 -5.93 -2.95
O4' AAB A 6 -7.81 -4.67 -2.48
C1' AAB A 6 -6.87 -3.73 -2.40
O1' AAB A 6 -6.75 -2.63 -1.51
C2' AAB A 6 -5.51 -4.49 -2.43
C3' AAB A 6 -5.79 -5.98 -2.49
O3' AAB A 6 -4.99 -6.50 -3.45
H5'1 AAB A 6 -9.16 -6.53 -2.40
H5'2 AAB A 6 -8.05 -7.90 -2.81
H4' AAB A 6 -7.24 -6.01 -4.04
H1' AAB A 6 -6.78 -3.24 -3.37
HO1' AAB A 6 -6.01 -2.15 -1.88
H2'1 AAB A 6 -5.13 -4.16 -3.40
H2'2 AAB A 6 -4.80 -4.22 -1.64
H3' AAB A 6 -5.63 -6.37 -1.49
P 8OG B 3 4.55 4.01 6.75
OP1 8OG B 3 5.16 5.17 7.44
OP2 8OG B 3 3.20 3.47 7.17
O5' 8OG B 3 4.38 4.43 5.23
C5' 8OG B 3 5.56 4.95 4.56
C4' 8OG B 3 5.15 5.28 3.12
O4' 8OG B 3 5.06 4.10 2.34
C3' 8OG B 3 3.73 5.93 2.90
O3' 8OG B 3 4.02 7.16 2.13
C2' 8OG B 3 2.96 4.93 2.03
C1' 8OG B 3 4.03 4.21 1.36
N9 8OG B 3 3.68 2.75 1.07
C8 8OG B 3 3.06 1.77 1.85
N7 8OG B 3 2.69 0.69 1.19
C5 8OG B 3 3.37 0.85 0.03
C6 8OG B 3 3.61 -0.08 -1.01
O6 8OG B 3 3.37 -1.31 -1.02
N1 8OG B 3 4.15 0.42 -2.20
C2 8OG B 3 4.70 1.65 -2.20
N2 8OG B 3 5.32 2.16 -3.31
N3 8OG B 3 4.53 2.50 -1.18
C4 8OG B 3 3.88 2.08 -0.10
O8 8OG B 3 2.81 1.86 3.05
H5' 8OG B 3 6.28 4.14 4.46
H5'' 8OG B 3 5.93 5.81 5.13
H4' 8OG B 3 5.90 5.89 2.61
H3' 8OG B 3 3.26 6.28 3.82
H2' 8OG B 3 2.40 5.41 1.24
H2'' 8OG B 3 2.31 4.32 2.65
H1' 8OG B 3 4.32 4.66 0.41
H7 8OG B 3 2.23 -0.16 1.49
H1 8OG B 3 4.11 -0.19 -3.00
H21 8OG B 3 5.73 3.10 -3.34
H22 8OG B 3 5.26 1.58 -4.13
P AAB A 6 -9.80 -7.93 -0.91
O1P AAB A 6 -9.62 -8.17 0.59
O2P AAB A 6 -10.16 -9.06 -1.82
O5' AAB A 6 -8.49 -7.21 -1.62
C5' AAB A 6 -8.49 -6.90 -3.03
C4' AAB A 6 -7.46 -5.86 -3.40
O4' AAB A 6 -7.90 -4.74 -2.72
C1' AAB A 6 -6.87 -3.83 -2.66
O1' AAB A 6 -6.83 -2.83 -1.63
C2' AAB A 6 -5.64 -4.65 -2.80
C3' AAB A 6 -6.08 -6.05 -2.86
O3' AAB A 6 -5.28 -6.69 -3.89
H5'1 AAB A 6 -9.50 -6.60 -3.31
H5'2 AAB A 6 -8.37 -7.85 -3.57
H4' AAB A 6 -7.39 -5.68 -4.46
H1' AAB A 6 -6.95 -3.32 -3.62
HO1' AAB A 6 -6.31 -2.15 -2.06
H2'1 AAB A 6 -5.20 -4.25 -3.71
H2'2 AAB A 6 -5.04 -4.59 -1.90
H3' AAB A 6 -5.94 -6.63 -1.95
P 8OG B 3 4.84 4.65 6.89
OP1 8OG B 3 5.47 5.78 7.56
OP2 8OG B 3 3.55 4.23 7.47
O5' 8OG B 3 4.71 4.72 5.37
C5' 8OG B 3 5.75 5.17 4.55
C4' 8OG B 3 5.18 5.33 3.14
O4' 8OG B 3 4.94 4.11 2.58
C3' 8OG B 3 3.84 6.14 3.09
O3' 8OG B 3 4.05 7.34 2.33
C2' 8OG B 3 2.80 5.19 2.51
C1' 8OG B 3 3.78 4.28 1.68
N9 8OG B 3 3.33 2.94 1.33
C8 8OG B 3 2.70 1.94 2.05
N7 8OG B 3 2.56 0.85 1.45
C5 8OG B 3 3.06 1.05 0.19
C6 8OG B 3 3.27 0.06 -0.85
O6 8OG B 3 2.70 -1.02 -1.00
N1 8OG B 3 4.00 0.65 -1.90
C2 8OG B 3 4.42 1.96 -1.95
N2 8OG B 3 5.14 2.20 -3.01
N3 8OG B 3 4.29 2.82 -0.99
C4 8OG B 3 3.61 2.35 0.10
O8 8OG B 3 2.19 2.03 3.13
H5' 8OG B 3 6.69 4.60 4.58
H5'' 8OG B 3 6.05 6.15 4.92
H4' 8OG B 3 5.85 5.87 2.47
H3' 8OG B 3 3.65 6.43 4.12
H2' 8OG B 3 2.08 5.70 1.87
H2'' 8OG B 3 2.24 4.68 3.30
H1' 8OG B 3 4.16 4.69 0.75
H7 8OG B 3 2.45 -0.02 1.95
H1 8OG B 3 4.07 0.18 -2.79
H21 8OG B 3 5.61 3.09 -3.07
H22 8OG B 3 5.13 1.52 -3.76
P AAB A 6 -9.33 -8.05 -0.14
O1P AAB A 6 -9.18 -8.07 1.37
O2P AAB A 6 -9.68 -9.30 -0.82
O5' AAB A 6 -7.91 -7.59 -0.76
C5' AAB A 6 -7.78 -7.70 -2.22
C4' AAB A 6 -7.08 -6.58 -2.91
O4' AAB A 6 -7.77 -5.34 -2.54
C1' AAB A 6 -6.80 -4.28 -2.51
O1' AAB A 6 -6.81 -3.40 -1.46
C2' AAB A 6 -5.48 -4.93 -2.52
C3' AAB A 6 -5.64 -6.46 -2.64
O3' AAB A 6 -4.98 -6.83 -3.79
H5'1 AAB A 6 -8.72 -8.02 -2.67
H5'2 AAB A 6 -7.10 -8.55 -2.32
H4' AAB A 6 -7.10 -6.59 -4.00
H1' AAB A 6 -6.71 -3.72 -3.44
HO1' AAB A 6 -6.24 -2.71 -1.82
H2'1 AAB A 6 -5.14 -4.63 -3.52
H2'2 AAB A 6 -4.97 -4.73 -1.58
H3' AAB A 6 -5.29 -6.97 -1.74
P 8OG B 3 5.80 5.27 7.22
OP1 8OG B 3 6.83 6.28 7.39
OP2 8OG B 3 4.70 5.11 8.24
O5' 8OG B 3 5.05 5.43 5.74
C5' 8OG B 3 5.74 5.95 4.65
C4' 8OG B 3 5.08 5.92 3.20
O4' 8OG B 3 4.99 4.58 2.70
C3' 8OG B 3 3.78 6.67 2.85
O3' 8OG B 3 4.20 7.91 2.21
C2' 8OG B 3 2.93 5.68 2.02
C1' 8OG B 3 4.00 4.64 1.72
N9 8OG B 3 3.40 3.32 1.50
C8 8OG B 3 2.54 2.45 2.29
N7 8OG B 3 2.37 1.32 1.72
C5 8OG B 3 3.02 1.37 0.48
C6 8OG B 3 3.18 0.44 -0.56
O6 8OG B 3 2.73 -0.68 -0.71
N1 8OG B 3 3.87 0.97 -1.68
C2 8OG B 3 4.57 2.07 -1.68
N2 8OG B 3 5.09 2.49 -2.83
N3 8OG B 3 4.42 3.02 -0.73
C4 8OG B 3 3.65 2.59 0.33
O8 8OG B 3 2.10 2.68 3.42
H5' 8OG B 3 6.63 5.32 4.53
H5'' 8OG B 3 6.00 6.99 4.81
H4' 8OG B 3 5.86 6.37 2.58
H3' 8OG B 3 3.41 6.81 3.88
H2' 8OG B 3 2.46 6.06 1.11
H2'' 8OG B 3 2.17 5.18 2.62
H1' 8OG B 3 4.40 4.85 0.73
H7 8OG B 3 1.84 0.57 2.12
H1 8OG B 3 3.96 0.34 -2.47
H21 8OG B 3 5.41 3.44 -2.94
H22 8OG B 3 4.87 1.99 -3.68
P AAB A 6 -8.72 -8.20 -0.39
O1P AAB A 6 -8.38 -7.96 0.96
O2P AAB A 6 -8.98 -9.61 -0.90
O5' AAB A 6 -7.58 -7.68 -1.29
C5' AAB A 6 -7.63 -7.71 -2.65
C4' AAB A 6 -7.01 -6.43 -3.14
O4' AAB A 6 -7.72 -5.22 -2.91
C1' AAB A 6 -6.85 -4.20 -2.81
O1' AAB A 6 -6.69 -3.29 -1.68
C2' AAB A 6 -5.47 -4.73 -3.08
C3' AAB A 6 -5.57 -6.25 -2.80
O3' AAB A 6 -4.66 -6.72 -3.84
H5'1 AAB A 6 -8.62 -7.60 -3.10
H5'2 AAB A 6 -7.08 -8.60 -2.97
H4' AAB A 6 -6.83 -6.41 -4.21
H1' AAB A 6 -6.99 -3.62 -3.73
HO1' AAB A 6 -6.21 -2.57 -2.09
H2'1 AAB A 6 -5.34 -4.54 -4.15
H2'2 AAB A 6 -4.72 -4.32 -2.41
H3' AAB A 6 -5.35 -6.44 -1.75
P 8OG B 3 5.68 5.96 6.51
OP1 8OG B 3 6.63 6.98 6.86
OP2 8OG B 3 4.38 5.89 7.20
O5' 8OG B 3 5.36 6.09 5.00
C5' 8OG B 3 6.17 6.59 3.93
C4' 8OG B 3 5.47 6.39 2.62
O4' 8OG B 3 5.30 5.05 2.19
C3' 8OG B 3 4.07 7.11 2.60
O3' 8OG B 3 4.11 8.31 1.84
C2' 8OG B 3 3.21 5.99 1.99
C1' 8OG B 3 4.18 5.05 1.34
N9 8OG B 3 3.66 3.71 1.10
C8 8OG B 3 3.11 2.82 2.04
N7 8OG B 3 2.76 1.68 1.55
C5 8OG B 3 3.30 1.69 0.25
C6 8OG B 3 3.40 0.66 -0.72
O6 8OG B 3 2.98 -0.48 -0.67
N1 8OG B 3 4.06 1.01 -1.85
C2 8OG B 3 4.42 2.33 -2.07
N2 8OG B 3 4.94 2.65 -3.23
N3 8OG B 3 4.35 3.35 -1.18
C4 8OG B 3 3.80 2.97 -0.04
O8 8OG B 3 3.06 3.02 3.24
H5' 8OG B 3 7.14 6.11 3.90
H5'' 8OG B 3 6.43 7.65 4.09
H4' 8OG B 3 6.13 6.86 1.91
H3' 8OG B 3 3.82 7.41 3.62
H2' 8OG B 3 2.50 6.41 1.28
H2'' 8OG B 3 2.54 5.49 2.68
H1' 8OG B 3 4.40 5.40 0.34
H7 8OG B 3 2.36 0.90 2.05
H1 8OG B 3 4.09 0.33 -2.60
H21 8OG B 3 5.02 3.64 -3.39
H22 8OG B 3 4.91 2.05 -4.04
P AAB A 6 -7.80 -7.58 -0.10
O1P AAB A 6 -7.26 -7.25 1.22
O2P AAB A 6 -7.95 -8.97 -0.49
O5' AAB A 6 -6.90 -6.96 -1.20
C5' AAB A 6 -7.07 -7.16 -2.61
C4' AAB A 6 -6.35 -6.15 -3.45
O4' AAB A 6 -7.18 -4.95 -3.26
C1' AAB A 6 -6.25 -3.90 -2.90
O1' AAB A 6 -6.26 -3.09 -1.76
C2' AAB A 6 -4.89 -4.40 -3.13
C3' AAB A 6 -4.92 -5.93 -2.98
O3' AAB A 6 -3.99 -6.37 -3.88
H5'1 AAB A 6 -8.15 -7.05 -2.72
H5'2 AAB A 6 -6.72 -8.17 -2.86
H4' AAB A 6 -6.24 -6.38 -4.50
H1' AAB A 6 -6.31 -3.28 -3.81
HO1' AAB A 6 -6.12 -2.16 -1.98
H2'1 AAB A 6 -4.69 -4.18 -4.17
H2'2 AAB A 6 -4.21 -3.91 -2.42
H3' AAB A 6 -4.63 -6.19 -1.96
P 8OG B 3 5.69 5.80 6.60
OP1 8OG B 3 6.66 6.88 6.83
OP2 8OG B 3 4.54 5.68 7.45
O5' 8OG B 3 5.04 5.94 5.11
C5' 8OG B 3 5.91 6.38 4.02
C4' 8OG B 3 5.30 6.37 2.60
O4' 8OG B 3 5.37 5.09 1.97
C3' 8OG B 3 3.84 6.80 2.50
O3' 8OG B 3 3.68 8.21 2.10
C2' 8OG B 3 3.24 5.82 1.48
C1' 8OG B 3 4.39 5.00 0.96
N9 8OG B 3 4.06 3.55 0.75
C8 8OG B 3 3.23 2.69 1.45
N7 8OG B 3 2.84 1.67 0.86
C5 8OG B 3 3.65 1.70 -0.34
C6 8OG B 3 3.65 0.82 -1.54
O6 8OG B 3 3.13 -0.25 -1.65
N1 8OG B 3 4.39 1.26 -2.58
C2 8OG B 3 4.98 2.56 -2.60
N2 8OG B 3 5.73 2.82 -3.62
N3 8OG B 3 4.97 3.42 -1.53
C4 8OG B 3 4.30 2.90 -0.43
O8 8OG B 3 2.94 2.81 2.59
H5' 8OG B 3 6.86 5.87 3.88
H5'' 8OG B 3 6.09 7.45 4.14
H4' 8OG B 3 5.88 7.02 1.94
H3' 8OG B 3 3.41 6.67 3.48
H2' 8OG B 3 2.83 6.46 0.70
H2'' 8OG B 3 2.44 5.19 1.84
H1' 8OG B 3 4.67 5.40 -0.02
H7 8OG B 3 2.23 0.94 1.21
H1 8OG B 3 4.31 0.63 -3.35
H21 8OG B 3 5.98 3.79 -3.59
H22 8OG B 3 5.68 2.25 -4.46
#